data_1U9E
#
_entry.id   1U9E
#
_cell.length_a   52.113
_cell.length_b   87.935
_cell.length_c   99.524
_cell.angle_alpha   90.00
_cell.angle_beta   90.00
_cell.angle_gamma   90.00
#
_symmetry.space_group_name_H-M   'P 21 21 21'
#
loop_
_entity.id
_entity.type
_entity.pdbx_description
1 polymer 'Estrogen receptor beta'
2 polymer 'STEROID RECEPTOR COACTIVATOR-1'
3 non-polymer 2-(4-HYDROXY-PHENYL)BENZOFURAN-5-OL
4 water water
#
loop_
_entity_poly.entity_id
_entity_poly.type
_entity_poly.pdbx_seq_one_letter_code
_entity_poly.pdbx_strand_id
1 'polypeptide(L)'
;DALSPEQLVLTLLEAEPPHVLISRPSAPFTEASMMMSLTKLADKELVHMISWAKKIPGFVELSLFDQVRLLESCWMEVLM
MGLMWRSIDHPGKLIFAPDLVLDRDEGKCVEGILEIFDMLLATTSRFRELKLQHKEYLCVKAMILLNSSMYPLVTATQDA
DSSRKLAHLLNAVTDALVWVIAKSGISSQQQSMRLANLLMLLSHVRHASNKGMEHLLNMKCKNVVPVYDLLLEMLNAHVL
R
;
A,B
2 'polypeptide(L)' KLVQLLTTT C,D
#
loop_
_chem_comp.id
_chem_comp.type
_chem_comp.name
_chem_comp.formula
397 non-polymer 2-(4-HYDROXY-PHENYL)BENZOFURAN-5-OL 'C14 H10 O3'
#
# COMPACT_ATOMS: atom_id res chain seq x y z
N LEU A 3 -16.43 -25.56 -2.20
CA LEU A 3 -15.61 -25.11 -1.04
C LEU A 3 -16.18 -23.81 -0.46
N SER A 4 -16.79 -23.91 0.71
CA SER A 4 -17.38 -22.75 1.36
C SER A 4 -16.31 -21.88 2.03
N PRO A 5 -16.67 -20.65 2.39
CA PRO A 5 -15.74 -19.72 3.05
C PRO A 5 -15.08 -20.34 4.27
N GLU A 6 -15.90 -20.99 5.09
CA GLU A 6 -15.40 -21.63 6.30
C GLU A 6 -14.35 -22.71 6.02
N GLN A 7 -14.58 -23.49 4.97
CA GLN A 7 -13.64 -24.54 4.63
C GLN A 7 -12.38 -23.97 4.00
N LEU A 8 -12.52 -22.86 3.30
CA LEU A 8 -11.36 -22.22 2.67
C LEU A 8 -10.50 -21.66 3.79
N VAL A 9 -11.14 -21.07 4.81
CA VAL A 9 -10.39 -20.51 5.92
C VAL A 9 -9.68 -21.64 6.65
N LEU A 10 -10.36 -22.77 6.78
CA LEU A 10 -9.78 -23.94 7.44
C LEU A 10 -8.49 -24.37 6.74
N THR A 11 -8.51 -24.43 5.42
CA THR A 11 -7.32 -24.83 4.68
C THR A 11 -6.18 -23.83 4.83
N LEU A 12 -6.50 -22.56 5.06
CA LEU A 12 -5.45 -21.56 5.26
C LEU A 12 -4.80 -21.83 6.61
N LEU A 13 -5.63 -22.21 7.58
CA LEU A 13 -5.15 -22.51 8.91
C LEU A 13 -4.17 -23.70 8.81
N GLU A 14 -4.51 -24.64 7.94
CA GLU A 14 -3.69 -25.83 7.73
C GLU A 14 -2.44 -25.54 6.91
N ALA A 15 -2.41 -24.37 6.28
CA ALA A 15 -1.27 -23.99 5.48
C ALA A 15 -0.28 -23.18 6.31
N GLU A 16 -0.73 -22.74 7.49
CA GLU A 16 0.11 -21.97 8.38
C GLU A 16 1.50 -22.57 8.51
N PRO A 17 2.54 -21.75 8.35
CA PRO A 17 3.90 -22.29 8.47
C PRO A 17 4.17 -22.55 9.96
N PRO A 18 5.18 -23.38 10.25
CA PRO A 18 5.51 -23.68 11.65
C PRO A 18 6.24 -22.52 12.32
N HIS A 19 6.29 -22.54 13.65
CA HIS A 19 6.98 -21.51 14.41
C HIS A 19 8.47 -21.69 14.15
N VAL A 20 9.17 -20.58 13.93
CA VAL A 20 10.58 -20.64 13.64
C VAL A 20 11.43 -19.91 14.67
N LEU A 21 12.59 -20.49 14.98
CA LEU A 21 13.52 -19.91 15.93
C LEU A 21 14.87 -19.85 15.22
N ILE A 22 15.73 -18.93 15.63
CA ILE A 22 17.04 -18.80 15.02
C ILE A 22 18.15 -19.48 15.80
N SER A 23 17.79 -20.24 16.83
CA SER A 23 18.76 -20.94 17.66
C SER A 23 19.84 -19.98 18.14
N ARG A 24 19.45 -19.01 18.95
CA ARG A 24 20.39 -18.03 19.46
C ARG A 24 20.29 -17.87 20.98
N PRO A 25 21.38 -18.22 21.69
CA PRO A 25 21.39 -18.10 23.16
C PRO A 25 21.07 -16.67 23.57
N SER A 26 20.09 -16.52 24.46
CA SER A 26 19.66 -15.21 24.94
C SER A 26 20.84 -14.32 25.29
N ALA A 27 20.81 -13.08 24.82
CA ALA A 27 21.88 -12.12 25.07
C ALA A 27 21.61 -10.79 24.38
N PRO A 28 22.25 -9.70 24.85
CA PRO A 28 22.08 -8.36 24.27
C PRO A 28 22.35 -8.35 22.77
N PHE A 29 21.94 -7.27 22.11
CA PHE A 29 22.13 -7.15 20.67
C PHE A 29 23.08 -6.05 20.24
N THR A 30 23.71 -6.26 19.09
CA THR A 30 24.64 -5.30 18.50
C THR A 30 24.16 -5.15 17.04
N GLU A 31 24.76 -4.25 16.28
CA GLU A 31 24.35 -4.07 14.90
C GLU A 31 24.71 -5.27 14.02
N ALA A 32 25.84 -5.91 14.33
CA ALA A 32 26.29 -7.07 13.56
C ALA A 32 25.48 -8.32 13.87
N SER A 33 25.04 -8.45 15.13
CA SER A 33 24.26 -9.61 15.52
C SER A 33 22.78 -9.44 15.20
N MET A 34 22.29 -8.19 15.24
CA MET A 34 20.88 -7.95 14.95
C MET A 34 20.58 -8.21 13.48
N MET A 35 21.35 -7.62 12.57
CA MET A 35 21.14 -7.83 11.15
C MET A 35 21.38 -9.29 10.80
N MET A 36 22.27 -9.91 11.57
CA MET A 36 22.60 -11.31 11.37
C MET A 36 21.36 -12.15 11.65
N SER A 37 20.73 -11.88 12.79
CA SER A 37 19.53 -12.61 13.21
C SER A 37 18.31 -12.31 12.34
N LEU A 38 18.15 -11.04 11.97
CA LEU A 38 17.02 -10.65 11.13
C LEU A 38 17.10 -11.28 9.74
N THR A 39 18.29 -11.33 9.16
CA THR A 39 18.45 -11.92 7.84
C THR A 39 18.35 -13.44 7.91
N LYS A 40 18.96 -14.04 8.93
CA LYS A 40 18.91 -15.48 9.11
C LYS A 40 17.46 -15.97 9.31
N LEU A 41 16.67 -15.20 10.05
CA LEU A 41 15.27 -15.55 10.31
C LEU A 41 14.44 -15.43 9.04
N ALA A 42 14.62 -14.32 8.33
CA ALA A 42 13.89 -14.06 7.10
C ALA A 42 14.15 -15.19 6.11
N ASP A 43 15.39 -15.62 6.02
CA ASP A 43 15.74 -16.70 5.11
C ASP A 43 14.97 -17.97 5.45
N LYS A 44 15.00 -18.38 6.71
CA LYS A 44 14.26 -19.56 7.12
C LYS A 44 12.76 -19.42 6.88
N GLU A 45 12.17 -18.28 7.24
CA GLU A 45 10.74 -18.07 7.04
C GLU A 45 10.36 -18.12 5.56
N LEU A 46 11.27 -17.69 4.69
CA LEU A 46 11.03 -17.69 3.25
C LEU A 46 10.79 -19.12 2.74
N VAL A 47 11.56 -20.06 3.28
CA VAL A 47 11.39 -21.46 2.89
C VAL A 47 9.98 -21.93 3.27
N HIS A 48 9.56 -21.65 4.51
CA HIS A 48 8.23 -22.07 4.96
C HIS A 48 7.11 -21.30 4.26
N MET A 49 7.41 -20.10 3.77
CA MET A 49 6.41 -19.30 3.07
C MET A 49 6.06 -19.93 1.72
N ILE A 50 7.07 -20.48 1.04
CA ILE A 50 6.83 -21.11 -0.25
C ILE A 50 5.84 -22.26 -0.09
N SER A 51 6.07 -23.10 0.93
CA SER A 51 5.21 -24.26 1.21
C SER A 51 3.81 -23.79 1.56
N TRP A 52 3.73 -22.74 2.36
CA TRP A 52 2.45 -22.16 2.77
C TRP A 52 1.62 -21.81 1.53
N ALA A 53 2.22 -21.08 0.59
CA ALA A 53 1.53 -20.65 -0.62
C ALA A 53 1.01 -21.83 -1.43
N LYS A 54 1.83 -22.86 -1.57
CA LYS A 54 1.45 -24.05 -2.32
C LYS A 54 0.24 -24.74 -1.67
N LYS A 55 0.02 -24.48 -0.38
CA LYS A 55 -1.10 -25.09 0.31
C LYS A 55 -2.38 -24.29 0.12
N ILE A 56 -2.26 -23.12 -0.51
CA ILE A 56 -3.43 -22.30 -0.77
C ILE A 56 -4.09 -22.89 -2.01
N PRO A 57 -5.32 -23.39 -1.86
CA PRO A 57 -6.07 -23.99 -2.98
C PRO A 57 -5.98 -23.20 -4.27
N GLY A 58 -5.56 -23.86 -5.33
CA GLY A 58 -5.46 -23.20 -6.63
C GLY A 58 -4.13 -22.53 -6.95
N PHE A 59 -3.34 -22.22 -5.94
CA PHE A 59 -2.06 -21.55 -6.18
C PHE A 59 -1.13 -22.31 -7.13
N VAL A 60 -0.98 -23.62 -6.89
CA VAL A 60 -0.13 -24.44 -7.73
C VAL A 60 -0.77 -24.68 -9.10
N GLU A 61 -2.00 -24.20 -9.25
CA GLU A 61 -2.72 -24.35 -10.51
C GLU A 61 -2.43 -23.15 -11.39
N LEU A 62 -1.79 -22.13 -10.82
CA LEU A 62 -1.45 -20.92 -11.56
C LEU A 62 -0.21 -21.22 -12.42
N SER A 63 0.07 -20.36 -13.40
CA SER A 63 1.25 -20.56 -14.24
C SER A 63 2.45 -20.40 -13.33
N LEU A 64 3.58 -20.98 -13.74
CA LEU A 64 4.79 -20.90 -12.95
C LEU A 64 5.25 -19.45 -12.90
N PHE A 65 4.99 -18.70 -13.97
CA PHE A 65 5.37 -17.29 -14.04
C PHE A 65 4.62 -16.47 -13.00
N ASP A 66 3.36 -16.80 -12.77
CA ASP A 66 2.55 -16.07 -11.80
C ASP A 66 2.93 -16.37 -10.35
N GLN A 67 3.15 -17.64 -10.04
CA GLN A 67 3.52 -18.04 -8.69
C GLN A 67 4.79 -17.33 -8.25
N VAL A 68 5.74 -17.22 -9.17
CA VAL A 68 7.01 -16.58 -8.89
C VAL A 68 6.91 -15.06 -8.70
N ARG A 69 6.15 -14.40 -9.58
CA ARG A 69 6.02 -12.94 -9.49
C ARG A 69 5.21 -12.53 -8.26
N LEU A 70 4.25 -13.36 -7.87
CA LEU A 70 3.43 -13.06 -6.70
C LEU A 70 4.28 -13.10 -5.44
N LEU A 71 5.06 -14.16 -5.29
CA LEU A 71 5.92 -14.33 -4.13
C LEU A 71 7.08 -13.32 -4.11
N GLU A 72 7.72 -13.11 -5.26
CA GLU A 72 8.82 -12.18 -5.35
C GLU A 72 8.44 -10.75 -4.95
N SER A 73 7.20 -10.37 -5.19
CA SER A 73 6.79 -9.02 -4.85
C SER A 73 6.16 -8.82 -3.47
N CYS A 74 5.58 -9.87 -2.90
CA CYS A 74 4.92 -9.75 -1.60
C CYS A 74 5.65 -10.33 -0.40
N TRP A 75 6.69 -11.14 -0.62
CA TRP A 75 7.36 -11.78 0.51
C TRP A 75 7.62 -10.94 1.76
N MET A 76 8.16 -9.75 1.62
CA MET A 76 8.43 -8.93 2.80
C MET A 76 7.13 -8.53 3.51
N GLU A 77 6.09 -8.25 2.74
CA GLU A 77 4.81 -7.88 3.35
C GLU A 77 4.27 -9.03 4.19
N VAL A 78 4.35 -10.24 3.66
CA VAL A 78 3.85 -11.42 4.36
C VAL A 78 4.64 -11.67 5.64
N LEU A 79 5.95 -11.46 5.58
CA LEU A 79 6.78 -11.65 6.77
C LEU A 79 6.35 -10.64 7.84
N MET A 80 6.26 -9.38 7.45
CA MET A 80 5.90 -8.33 8.38
C MET A 80 4.47 -8.47 8.90
N MET A 81 3.59 -9.11 8.11
CA MET A 81 2.22 -9.32 8.55
C MET A 81 2.25 -10.41 9.63
N GLY A 82 3.16 -11.36 9.46
CA GLY A 82 3.30 -12.43 10.44
C GLY A 82 3.89 -11.85 11.72
N LEU A 83 4.89 -10.99 11.57
CA LEU A 83 5.53 -10.35 12.71
C LEU A 83 4.49 -9.60 13.54
N MET A 84 3.61 -8.84 12.89
CA MET A 84 2.59 -8.08 13.58
C MET A 84 1.57 -8.93 14.34
N TRP A 85 1.16 -10.05 13.75
CA TRP A 85 0.20 -10.92 14.42
C TRP A 85 0.85 -11.57 15.64
N ARG A 86 2.14 -11.86 15.55
CA ARG A 86 2.85 -12.46 16.67
C ARG A 86 3.08 -11.45 17.78
N SER A 87 3.17 -10.18 17.40
CA SER A 87 3.44 -9.09 18.35
C SER A 87 2.17 -8.50 18.98
N ILE A 88 1.02 -8.83 18.42
CA ILE A 88 -0.25 -8.30 18.87
C ILE A 88 -0.49 -8.30 20.39
N ASP A 89 -0.18 -9.41 21.06
CA ASP A 89 -0.37 -9.51 22.51
C ASP A 89 0.84 -9.15 23.33
N HIS A 90 1.75 -8.34 22.77
CA HIS A 90 2.95 -7.93 23.49
C HIS A 90 3.26 -6.48 23.14
N PRO A 91 2.36 -5.56 23.50
CA PRO A 91 2.55 -4.14 23.21
C PRO A 91 3.97 -3.61 23.47
N GLY A 92 4.47 -2.82 22.52
CA GLY A 92 5.80 -2.26 22.64
C GLY A 92 6.90 -3.23 22.26
N LYS A 93 6.53 -4.40 21.75
CA LYS A 93 7.53 -5.39 21.38
C LYS A 93 7.29 -6.00 19.99
N LEU A 94 8.37 -6.33 19.32
CA LEU A 94 8.29 -6.93 18.00
C LEU A 94 8.79 -8.36 18.16
N ILE A 95 7.86 -9.31 18.16
CA ILE A 95 8.20 -10.72 18.32
C ILE A 95 8.57 -11.35 16.98
N PHE A 96 9.79 -11.09 16.51
CA PHE A 96 10.23 -11.68 15.25
C PHE A 96 10.29 -13.19 15.41
N ALA A 97 10.73 -13.61 16.60
CA ALA A 97 10.84 -15.03 16.91
C ALA A 97 10.95 -15.16 18.42
N PRO A 98 10.57 -16.34 18.96
CA PRO A 98 10.64 -16.57 20.40
C PRO A 98 12.01 -16.20 20.98
N ASP A 99 13.07 -16.42 20.20
CA ASP A 99 14.42 -16.11 20.63
C ASP A 99 14.99 -14.88 19.93
N LEU A 100 14.08 -13.98 19.54
CA LEU A 100 14.45 -12.73 18.87
C LEU A 100 13.38 -11.69 19.12
N VAL A 101 13.29 -11.25 20.37
CA VAL A 101 12.31 -10.24 20.79
C VAL A 101 13.02 -8.91 20.88
N LEU A 102 12.49 -7.89 20.20
CA LEU A 102 13.14 -6.59 20.21
C LEU A 102 12.31 -5.42 20.76
N ASP A 103 13.02 -4.51 21.42
CA ASP A 103 12.46 -3.30 22.02
C ASP A 103 12.75 -2.14 21.07
N ARG A 104 11.95 -1.08 21.13
CA ARG A 104 12.14 0.06 20.25
C ARG A 104 13.51 0.72 20.36
N ASP A 105 14.05 0.79 21.58
CA ASP A 105 15.36 1.39 21.77
C ASP A 105 16.47 0.54 21.19
N GLU A 106 16.22 -0.77 21.11
CA GLU A 106 17.21 -1.68 20.57
C GLU A 106 17.28 -1.51 19.06
N GLY A 107 16.28 -0.85 18.49
CA GLY A 107 16.28 -0.61 17.06
C GLY A 107 17.21 0.54 16.73
N LYS A 108 17.82 1.12 17.77
CA LYS A 108 18.74 2.24 17.61
C LYS A 108 20.17 1.74 17.37
N CYS A 109 20.35 0.42 17.43
CA CYS A 109 21.66 -0.17 17.22
C CYS A 109 21.95 -0.20 15.72
N VAL A 110 20.91 0.01 14.91
CA VAL A 110 21.07 0.01 13.47
C VAL A 110 20.48 1.26 12.86
N GLU A 111 21.30 1.96 12.07
CA GLU A 111 20.87 3.18 11.42
C GLU A 111 19.72 2.96 10.45
N GLY A 112 18.64 3.72 10.65
CA GLY A 112 17.49 3.63 9.78
C GLY A 112 16.48 2.55 10.10
N ILE A 113 16.79 1.65 11.02
CA ILE A 113 15.83 0.59 11.33
C ILE A 113 14.80 1.03 12.37
N LEU A 114 15.17 2.02 13.20
CA LEU A 114 14.25 2.52 14.21
C LEU A 114 13.01 3.08 13.52
N GLU A 115 13.23 3.61 12.32
CA GLU A 115 12.16 4.18 11.51
C GLU A 115 11.14 3.09 11.22
N ILE A 116 11.65 1.98 10.71
CA ILE A 116 10.86 0.82 10.34
C ILE A 116 10.19 0.14 11.52
N PHE A 117 10.85 0.12 12.68
CA PHE A 117 10.28 -0.50 13.87
C PHE A 117 9.05 0.29 14.31
N ASP A 118 9.19 1.61 14.39
CA ASP A 118 8.06 2.44 14.78
C ASP A 118 6.89 2.18 13.85
N MET A 119 7.17 2.08 12.56
CA MET A 119 6.12 1.80 11.58
C MET A 119 5.43 0.49 11.92
N LEU A 120 6.24 -0.53 12.20
CA LEU A 120 5.72 -1.83 12.54
C LEU A 120 4.94 -1.79 13.85
N LEU A 121 5.52 -1.14 14.86
CA LEU A 121 4.86 -1.04 16.16
C LEU A 121 3.52 -0.32 16.07
N ALA A 122 3.46 0.69 15.21
CA ALA A 122 2.23 1.45 15.03
C ALA A 122 1.15 0.60 14.39
N THR A 123 1.47 -0.04 13.27
CA THR A 123 0.52 -0.87 12.57
C THR A 123 0.05 -2.00 13.49
N THR A 124 0.99 -2.58 14.24
CA THR A 124 0.66 -3.65 15.17
C THR A 124 -0.32 -3.13 16.20
N SER A 125 -0.01 -1.98 16.78
CA SER A 125 -0.86 -1.35 17.78
C SER A 125 -2.25 -1.12 17.21
N ARG A 126 -2.31 -0.80 15.91
CA ARG A 126 -3.57 -0.57 15.24
C ARG A 126 -4.38 -1.87 15.20
N PHE A 127 -3.76 -2.95 14.74
CA PHE A 127 -4.44 -4.23 14.67
C PHE A 127 -4.91 -4.65 16.06
N ARG A 128 -4.18 -4.20 17.08
CA ARG A 128 -4.53 -4.51 18.46
C ARG A 128 -5.82 -3.80 18.87
N GLU A 129 -5.92 -2.51 18.52
CA GLU A 129 -7.11 -1.73 18.85
C GLU A 129 -8.35 -2.36 18.21
N LEU A 130 -8.18 -2.87 16.99
CA LEU A 130 -9.25 -3.51 16.24
C LEU A 130 -9.48 -4.93 16.74
N LYS A 131 -8.55 -5.40 17.56
CA LYS A 131 -8.64 -6.75 18.10
C LYS A 131 -8.68 -7.77 16.98
N LEU A 132 -7.68 -7.70 16.11
CA LEU A 132 -7.56 -8.61 14.97
C LEU A 132 -7.71 -10.06 15.43
N GLN A 133 -8.58 -10.81 14.76
CA GLN A 133 -8.80 -12.20 15.10
C GLN A 133 -7.91 -13.07 14.21
N HIS A 134 -7.55 -14.25 14.71
CA HIS A 134 -6.69 -15.17 13.98
C HIS A 134 -7.19 -15.46 12.56
N LYS A 135 -8.47 -15.81 12.44
CA LYS A 135 -9.03 -16.12 11.14
C LYS A 135 -8.96 -14.94 10.18
N GLU A 136 -9.01 -13.72 10.72
CA GLU A 136 -8.92 -12.53 9.89
C GLU A 136 -7.46 -12.46 9.40
N TYR A 137 -6.54 -12.74 10.31
CA TYR A 137 -5.12 -12.73 10.01
C TYR A 137 -4.81 -13.70 8.87
N LEU A 138 -5.50 -14.84 8.88
CA LEU A 138 -5.29 -15.86 7.85
C LEU A 138 -5.76 -15.36 6.49
N CYS A 139 -6.94 -14.77 6.45
CA CYS A 139 -7.45 -14.26 5.18
C CYS A 139 -6.61 -13.10 4.67
N VAL A 140 -6.34 -12.14 5.54
CA VAL A 140 -5.55 -10.95 5.19
C VAL A 140 -4.19 -11.34 4.58
N LYS A 141 -3.45 -12.19 5.29
CA LYS A 141 -2.14 -12.61 4.80
C LYS A 141 -2.28 -13.25 3.42
N ALA A 142 -3.32 -14.06 3.24
CA ALA A 142 -3.54 -14.72 1.96
C ALA A 142 -3.81 -13.70 0.86
N MET A 143 -4.56 -12.66 1.19
CA MET A 143 -4.87 -11.62 0.21
C MET A 143 -3.63 -10.85 -0.20
N ILE A 144 -2.72 -10.63 0.75
CA ILE A 144 -1.48 -9.92 0.46
C ILE A 144 -0.72 -10.61 -0.67
N LEU A 145 -0.65 -11.94 -0.60
CA LEU A 145 0.04 -12.71 -1.62
C LEU A 145 -0.70 -12.62 -2.95
N LEU A 146 -2.01 -12.83 -2.92
CA LEU A 146 -2.80 -12.82 -4.14
C LEU A 146 -3.07 -11.45 -4.75
N ASN A 147 -2.87 -10.39 -3.98
CA ASN A 147 -3.13 -9.03 -4.46
C ASN A 147 -1.86 -8.23 -4.69
N SER A 148 -0.71 -8.89 -4.66
CA SER A 148 0.57 -8.22 -4.86
C SER A 148 1.10 -8.35 -6.28
N SER A 149 0.20 -8.42 -7.25
CA SER A 149 0.60 -8.55 -8.65
C SER A 149 1.53 -7.42 -9.07
N SER A 162 -4.44 -18.31 -16.72
CA SER A 162 -3.96 -18.25 -15.34
C SER A 162 -4.45 -16.99 -14.66
N SER A 163 -4.57 -15.92 -15.45
CA SER A 163 -5.03 -14.64 -14.93
C SER A 163 -6.38 -14.75 -14.23
N ARG A 164 -7.35 -15.36 -14.91
CA ARG A 164 -8.69 -15.52 -14.34
C ARG A 164 -8.67 -16.37 -13.08
N LYS A 165 -7.83 -17.40 -13.07
CA LYS A 165 -7.70 -18.27 -11.91
C LYS A 165 -7.32 -17.45 -10.69
N LEU A 166 -6.38 -16.52 -10.87
CA LEU A 166 -5.92 -15.66 -9.80
C LEU A 166 -7.03 -14.79 -9.22
N ALA A 167 -7.72 -14.05 -10.09
CA ALA A 167 -8.82 -13.20 -9.68
C ALA A 167 -9.86 -14.05 -8.96
N HIS A 168 -10.07 -15.26 -9.49
CA HIS A 168 -11.04 -16.20 -8.91
C HIS A 168 -10.62 -16.54 -7.49
N LEU A 169 -9.34 -16.86 -7.32
CA LEU A 169 -8.80 -17.22 -6.02
C LEU A 169 -8.85 -16.02 -5.07
N LEU A 170 -8.40 -14.86 -5.55
CA LEU A 170 -8.41 -13.65 -4.74
C LEU A 170 -9.84 -13.37 -4.24
N ASN A 171 -10.80 -13.51 -5.14
CA ASN A 171 -12.19 -13.28 -4.80
C ASN A 171 -12.68 -14.27 -3.73
N ALA A 172 -12.22 -15.51 -3.84
CA ALA A 172 -12.61 -16.54 -2.88
C ALA A 172 -12.12 -16.17 -1.47
N VAL A 173 -10.87 -15.77 -1.37
CA VAL A 173 -10.30 -15.38 -0.07
C VAL A 173 -11.01 -14.14 0.46
N THR A 174 -11.31 -13.20 -0.43
CA THR A 174 -12.00 -11.97 -0.03
C THR A 174 -13.35 -12.36 0.54
N ASP A 175 -13.97 -13.35 -0.10
CA ASP A 175 -15.27 -13.86 0.31
C ASP A 175 -15.13 -14.54 1.68
N ALA A 176 -13.96 -15.11 1.95
CA ALA A 176 -13.72 -15.78 3.22
C ALA A 176 -13.56 -14.76 4.35
N LEU A 177 -12.96 -13.61 4.03
CA LEU A 177 -12.76 -12.56 5.04
C LEU A 177 -14.11 -11.98 5.47
N VAL A 178 -14.98 -11.72 4.51
CA VAL A 178 -16.31 -11.17 4.79
C VAL A 178 -17.05 -12.14 5.71
N TRP A 179 -17.00 -13.42 5.35
CA TRP A 179 -17.65 -14.45 6.14
C TRP A 179 -17.17 -14.41 7.59
N VAL A 180 -15.86 -14.36 7.79
CA VAL A 180 -15.29 -14.32 9.13
C VAL A 180 -15.86 -13.13 9.90
N ILE A 181 -15.97 -11.99 9.23
CA ILE A 181 -16.49 -10.79 9.85
C ILE A 181 -17.97 -10.94 10.18
N ALA A 182 -18.70 -11.68 9.34
CA ALA A 182 -20.12 -11.89 9.56
C ALA A 182 -20.39 -12.77 10.78
N LYS A 183 -19.45 -13.65 11.11
CA LYS A 183 -19.60 -14.55 12.25
C LYS A 183 -19.49 -13.82 13.58
N SER A 184 -18.74 -12.73 13.62
CA SER A 184 -18.56 -11.98 14.86
C SER A 184 -19.91 -11.48 15.37
N GLY A 185 -20.93 -11.57 14.52
CA GLY A 185 -22.27 -11.15 14.88
C GLY A 185 -22.47 -9.69 15.23
N ILE A 186 -21.69 -8.80 14.62
CA ILE A 186 -21.83 -7.38 14.90
C ILE A 186 -22.73 -6.73 13.85
N SER A 187 -23.06 -5.46 14.07
CA SER A 187 -23.91 -4.72 13.15
C SER A 187 -23.39 -4.86 11.72
N SER A 188 -24.29 -4.72 10.75
CA SER A 188 -23.90 -4.81 9.35
C SER A 188 -23.02 -3.60 9.04
N GLN A 189 -23.44 -2.43 9.51
CA GLN A 189 -22.69 -1.20 9.30
C GLN A 189 -21.30 -1.36 9.91
N GLN A 190 -21.23 -2.06 11.04
CA GLN A 190 -19.96 -2.28 11.69
C GLN A 190 -19.17 -3.41 11.01
N GLN A 191 -19.87 -4.22 10.21
CA GLN A 191 -19.22 -5.30 9.48
C GLN A 191 -18.50 -4.65 8.30
N SER A 192 -19.07 -3.56 7.81
CA SER A 192 -18.50 -2.82 6.69
C SER A 192 -17.35 -1.94 7.17
N MET A 193 -17.54 -1.32 8.34
CA MET A 193 -16.51 -0.45 8.91
C MET A 193 -15.26 -1.27 9.24
N ARG A 194 -15.47 -2.46 9.78
CA ARG A 194 -14.35 -3.33 10.14
C ARG A 194 -13.61 -3.85 8.92
N LEU A 195 -14.36 -4.21 7.88
CA LEU A 195 -13.77 -4.72 6.64
C LEU A 195 -12.84 -3.68 6.03
N ALA A 196 -13.32 -2.44 5.97
CA ALA A 196 -12.55 -1.33 5.41
C ALA A 196 -11.32 -0.99 6.26
N ASN A 197 -11.47 -1.00 7.57
CA ASN A 197 -10.37 -0.70 8.47
C ASN A 197 -9.27 -1.75 8.41
N LEU A 198 -9.64 -3.00 8.22
CA LEU A 198 -8.66 -4.06 8.13
C LEU A 198 -7.92 -3.96 6.80
N LEU A 199 -8.67 -3.66 5.74
CA LEU A 199 -8.07 -3.55 4.41
C LEU A 199 -7.22 -2.29 4.28
N MET A 200 -7.65 -1.20 4.91
CA MET A 200 -6.89 0.04 4.82
C MET A 200 -5.51 -0.09 5.48
N LEU A 201 -5.38 -1.05 6.39
CA LEU A 201 -4.10 -1.24 7.06
C LEU A 201 -3.08 -1.93 6.17
N LEU A 202 -3.56 -2.62 5.13
CA LEU A 202 -2.66 -3.28 4.21
C LEU A 202 -1.74 -2.26 3.55
N SER A 203 -2.22 -1.01 3.45
CA SER A 203 -1.43 0.06 2.85
C SER A 203 -0.22 0.34 3.73
N HIS A 204 -0.41 0.27 5.04
CA HIS A 204 0.67 0.54 5.98
C HIS A 204 1.66 -0.62 6.03
N VAL A 205 1.18 -1.83 5.77
CA VAL A 205 2.05 -3.01 5.78
C VAL A 205 2.88 -3.00 4.50
N ARG A 206 2.29 -2.50 3.42
CA ARG A 206 2.96 -2.41 2.14
C ARG A 206 4.00 -1.28 2.18
N HIS A 207 3.73 -0.27 3.00
CA HIS A 207 4.64 0.86 3.14
C HIS A 207 5.85 0.51 4.00
N ALA A 208 5.60 -0.17 5.11
CA ALA A 208 6.68 -0.58 6.01
C ALA A 208 7.54 -1.63 5.30
N SER A 209 6.95 -2.27 4.28
CA SER A 209 7.61 -3.31 3.50
C SER A 209 8.61 -2.70 2.54
N ASN A 210 8.15 -1.74 1.74
CA ASN A 210 9.02 -1.06 0.79
C ASN A 210 10.22 -0.45 1.50
N LYS A 211 9.99 0.08 2.70
CA LYS A 211 11.07 0.68 3.47
C LYS A 211 12.00 -0.39 4.00
N GLY A 212 11.43 -1.51 4.45
CA GLY A 212 12.23 -2.60 4.96
C GLY A 212 13.11 -3.19 3.87
N MET A 213 12.60 -3.21 2.64
CA MET A 213 13.36 -3.74 1.52
C MET A 213 14.53 -2.80 1.22
N GLU A 214 14.22 -1.51 1.08
CA GLU A 214 15.22 -0.49 0.80
C GLU A 214 16.38 -0.57 1.80
N HIS A 215 16.03 -0.67 3.07
CA HIS A 215 17.02 -0.75 4.14
C HIS A 215 17.82 -2.04 4.04
N LEU A 216 17.14 -3.14 3.73
CA LEU A 216 17.78 -4.44 3.60
C LEU A 216 18.69 -4.46 2.38
N LEU A 217 18.19 -3.94 1.26
CA LEU A 217 18.98 -3.90 0.03
C LEU A 217 20.27 -3.15 0.28
N ASN A 218 20.15 -2.05 0.99
CA ASN A 218 21.30 -1.23 1.29
C ASN A 218 22.31 -2.02 2.14
N MET A 219 21.81 -2.84 3.06
CA MET A 219 22.68 -3.65 3.90
C MET A 219 23.42 -4.69 3.05
N LYS A 220 22.73 -5.23 2.05
CA LYS A 220 23.32 -6.22 1.16
C LYS A 220 24.47 -5.63 0.36
N CYS A 221 24.20 -4.51 -0.31
CA CYS A 221 25.21 -3.84 -1.11
C CYS A 221 26.51 -3.62 -0.34
N LYS A 222 26.41 -3.52 0.99
CA LYS A 222 27.56 -3.30 1.85
C LYS A 222 28.13 -4.62 2.38
N ASN A 223 27.52 -5.73 1.97
CA ASN A 223 27.95 -7.07 2.40
C ASN A 223 28.08 -7.16 3.91
N VAL A 224 27.23 -6.41 4.62
CA VAL A 224 27.24 -6.40 6.08
C VAL A 224 26.47 -7.60 6.63
N VAL A 225 25.67 -8.23 5.79
CA VAL A 225 24.89 -9.39 6.18
C VAL A 225 25.33 -10.60 5.38
N PRO A 226 25.50 -11.75 6.04
CA PRO A 226 25.93 -12.98 5.37
C PRO A 226 25.08 -13.30 4.15
N VAL A 227 25.58 -14.18 3.30
CA VAL A 227 24.88 -14.55 2.09
C VAL A 227 23.85 -15.66 2.29
N TYR A 228 22.59 -15.31 2.18
CA TYR A 228 21.50 -16.28 2.31
C TYR A 228 20.89 -16.44 0.92
N ASP A 229 21.31 -17.50 0.23
CA ASP A 229 20.85 -17.80 -1.11
C ASP A 229 19.39 -17.48 -1.42
N LEU A 230 18.47 -18.02 -0.62
CA LEU A 230 17.05 -17.76 -0.86
C LEU A 230 16.71 -16.28 -0.68
N LEU A 231 17.17 -15.70 0.43
CA LEU A 231 16.91 -14.30 0.71
C LEU A 231 17.53 -13.38 -0.34
N LEU A 232 18.76 -13.70 -0.76
CA LEU A 232 19.47 -12.91 -1.76
C LEU A 232 18.67 -12.89 -3.06
N GLU A 233 18.23 -14.07 -3.47
CA GLU A 233 17.46 -14.23 -4.70
C GLU A 233 16.17 -13.40 -4.65
N MET A 234 15.47 -13.48 -3.52
CA MET A 234 14.22 -12.75 -3.34
C MET A 234 14.43 -11.24 -3.29
N LEU A 235 15.59 -10.83 -2.77
CA LEU A 235 15.92 -9.42 -2.65
C LEU A 235 16.26 -8.82 -4.02
N ASN A 236 17.07 -9.54 -4.79
CA ASN A 236 17.47 -9.06 -6.11
C ASN A 236 16.28 -8.90 -7.04
N ALA A 237 15.29 -9.79 -6.95
CA ALA A 237 14.10 -9.72 -7.80
C ALA A 237 13.16 -10.86 -7.47
N LEU B 3 -23.19 15.54 10.58
CA LEU B 3 -22.80 15.43 9.14
C LEU B 3 -23.10 14.03 8.60
N SER B 4 -24.12 13.94 7.76
CA SER B 4 -24.49 12.65 7.18
C SER B 4 -23.49 12.22 6.10
N PRO B 5 -23.44 10.93 5.79
CA PRO B 5 -22.52 10.43 4.75
C PRO B 5 -22.75 11.20 3.45
N GLU B 6 -24.01 11.44 3.13
CA GLU B 6 -24.39 12.16 1.91
C GLU B 6 -23.84 13.58 1.91
N GLN B 7 -24.08 14.31 3.00
CA GLN B 7 -23.59 15.67 3.10
C GLN B 7 -22.06 15.68 2.97
N LEU B 8 -21.45 14.62 3.48
CA LEU B 8 -20.01 14.49 3.40
C LEU B 8 -19.60 14.26 1.96
N VAL B 9 -20.41 13.50 1.23
CA VAL B 9 -20.13 13.20 -0.17
C VAL B 9 -20.31 14.44 -1.03
N LEU B 10 -21.37 15.20 -0.78
CA LEU B 10 -21.64 16.42 -1.54
C LEU B 10 -20.52 17.44 -1.30
N THR B 11 -19.99 17.44 -0.08
CA THR B 11 -18.92 18.35 0.28
C THR B 11 -17.64 18.00 -0.48
N LEU B 12 -17.32 16.71 -0.58
CA LEU B 12 -16.12 16.32 -1.31
C LEU B 12 -16.32 16.66 -2.78
N LEU B 13 -17.55 16.51 -3.25
CA LEU B 13 -17.88 16.81 -4.64
C LEU B 13 -17.63 18.28 -4.94
N GLU B 14 -18.04 19.16 -4.03
CA GLU B 14 -17.82 20.58 -4.22
C GLU B 14 -16.33 20.90 -4.11
N ALA B 15 -15.64 20.13 -3.28
CA ALA B 15 -14.21 20.31 -3.06
C ALA B 15 -13.31 19.82 -4.19
N GLU B 16 -13.86 19.07 -5.14
CA GLU B 16 -13.06 18.56 -6.25
C GLU B 16 -12.28 19.73 -6.86
N PRO B 17 -10.96 19.58 -6.98
CA PRO B 17 -10.16 20.67 -7.56
C PRO B 17 -10.45 20.84 -9.04
N PRO B 18 -10.17 22.03 -9.59
CA PRO B 18 -10.41 22.28 -11.01
C PRO B 18 -9.31 21.62 -11.84
N HIS B 19 -9.61 21.22 -13.07
CA HIS B 19 -8.60 20.59 -13.91
C HIS B 19 -7.49 21.56 -14.30
N VAL B 20 -6.26 21.20 -13.97
CA VAL B 20 -5.12 22.03 -14.30
C VAL B 20 -4.81 21.86 -15.78
N LEU B 21 -4.75 22.98 -16.50
CA LEU B 21 -4.47 22.95 -17.92
C LEU B 21 -2.99 23.14 -18.20
N ILE B 22 -2.41 22.18 -18.93
CA ILE B 22 -1.00 22.23 -19.31
C ILE B 22 -0.95 21.78 -20.75
N SER B 23 -0.21 22.52 -21.57
CA SER B 23 -0.10 22.21 -22.98
C SER B 23 1.02 21.24 -23.35
N ARG B 24 0.67 20.29 -24.20
CA ARG B 24 1.59 19.28 -24.69
C ARG B 24 2.60 19.99 -25.58
N PRO B 25 3.91 19.76 -25.36
CA PRO B 25 4.93 20.41 -26.18
C PRO B 25 4.67 20.27 -27.67
N SER B 26 5.05 21.30 -28.43
CA SER B 26 4.87 21.32 -29.88
C SER B 26 5.47 20.09 -30.53
N ALA B 27 6.78 19.93 -30.36
CA ALA B 27 7.50 18.80 -30.94
C ALA B 27 7.26 17.51 -30.15
N PRO B 28 7.57 16.36 -30.76
CA PRO B 28 7.38 15.09 -30.06
C PRO B 28 8.21 15.14 -28.77
N PHE B 29 7.73 14.48 -27.74
CA PHE B 29 8.41 14.46 -26.44
C PHE B 29 9.85 14.00 -26.49
N THR B 30 10.67 14.59 -25.62
CA THR B 30 12.06 14.21 -25.47
C THR B 30 12.07 13.80 -24.00
N GLU B 31 13.13 13.15 -23.54
CA GLU B 31 13.19 12.73 -22.15
C GLU B 31 12.98 13.94 -21.24
N ALA B 32 13.63 15.05 -21.59
CA ALA B 32 13.54 16.29 -20.81
C ALA B 32 12.20 17.00 -20.89
N SER B 33 11.61 17.09 -22.07
CA SER B 33 10.33 17.79 -22.22
C SER B 33 9.19 17.03 -21.54
N MET B 34 9.30 15.71 -21.47
CA MET B 34 8.25 14.93 -20.82
C MET B 34 8.30 15.13 -19.32
N MET B 35 9.49 15.04 -18.76
CA MET B 35 9.68 15.23 -17.33
C MET B 35 9.36 16.67 -16.98
N MET B 36 9.57 17.55 -17.94
CA MET B 36 9.31 18.97 -17.77
C MET B 36 7.79 19.16 -17.62
N SER B 37 7.04 18.49 -18.48
CA SER B 37 5.59 18.59 -18.46
C SER B 37 4.99 17.93 -17.22
N LEU B 38 5.48 16.74 -16.86
CA LEU B 38 4.97 16.03 -15.71
C LEU B 38 5.26 16.74 -14.40
N THR B 39 6.44 17.34 -14.30
CA THR B 39 6.81 18.04 -13.07
C THR B 39 6.02 19.35 -12.95
N LYS B 40 5.87 20.07 -14.06
CA LYS B 40 5.11 21.33 -14.06
C LYS B 40 3.64 21.07 -13.76
N LEU B 41 3.13 19.92 -14.17
CA LEU B 41 1.73 19.58 -13.90
C LEU B 41 1.54 19.25 -12.42
N ALA B 42 2.41 18.39 -11.90
CA ALA B 42 2.38 17.99 -10.49
C ALA B 42 2.47 19.20 -9.58
N ASP B 43 3.40 20.09 -9.88
CA ASP B 43 3.57 21.29 -9.08
C ASP B 43 2.27 22.07 -9.00
N LYS B 44 1.64 22.31 -10.16
CA LYS B 44 0.38 23.03 -10.20
C LYS B 44 -0.74 22.29 -9.46
N GLU B 45 -0.83 20.99 -9.64
CA GLU B 45 -1.86 20.22 -8.95
C GLU B 45 -1.66 20.16 -7.45
N LEU B 46 -0.40 20.20 -7.02
CA LEU B 46 -0.08 20.17 -5.60
C LEU B 46 -0.67 21.37 -4.88
N VAL B 47 -0.68 22.52 -5.57
CA VAL B 47 -1.24 23.73 -4.99
C VAL B 47 -2.74 23.57 -4.78
N HIS B 48 -3.42 22.99 -5.77
CA HIS B 48 -4.87 22.78 -5.67
C HIS B 48 -5.17 21.67 -4.67
N MET B 49 -4.23 20.74 -4.53
CA MET B 49 -4.42 19.63 -3.60
C MET B 49 -4.49 20.13 -2.17
N ILE B 50 -3.68 21.13 -1.84
CA ILE B 50 -3.66 21.70 -0.50
C ILE B 50 -4.99 22.34 -0.17
N SER B 51 -5.60 22.99 -1.17
CA SER B 51 -6.88 23.64 -0.97
C SER B 51 -7.94 22.56 -0.80
N TRP B 52 -7.85 21.53 -1.65
CA TRP B 52 -8.78 20.41 -1.60
C TRP B 52 -8.79 19.77 -0.21
N ALA B 53 -7.61 19.52 0.34
CA ALA B 53 -7.49 18.90 1.65
C ALA B 53 -8.13 19.73 2.77
N LYS B 54 -7.97 21.04 2.71
CA LYS B 54 -8.54 21.92 3.73
C LYS B 54 -10.07 21.94 3.68
N LYS B 55 -10.64 21.31 2.65
CA LYS B 55 -12.10 21.26 2.51
C LYS B 55 -12.64 19.92 3.01
N ILE B 56 -11.74 18.96 3.24
CA ILE B 56 -12.16 17.67 3.74
C ILE B 56 -12.61 17.87 5.19
N PRO B 57 -13.91 17.72 5.45
CA PRO B 57 -14.47 17.90 6.80
C PRO B 57 -13.59 17.43 7.95
N GLY B 58 -13.15 18.37 8.77
CA GLY B 58 -12.33 18.05 9.92
C GLY B 58 -10.83 18.05 9.72
N PHE B 59 -10.38 18.17 8.47
CA PHE B 59 -8.95 18.16 8.20
C PHE B 59 -8.21 19.28 8.91
N VAL B 60 -8.76 20.48 8.83
CA VAL B 60 -8.15 21.65 9.46
C VAL B 60 -8.16 21.55 10.99
N GLU B 61 -9.02 20.68 11.52
CA GLU B 61 -9.11 20.51 12.97
C GLU B 61 -7.95 19.69 13.53
N LEU B 62 -7.24 18.99 12.64
CA LEU B 62 -6.10 18.19 13.06
C LEU B 62 -4.98 19.19 13.38
N SER B 63 -3.90 18.73 13.99
CA SER B 63 -2.78 19.61 14.31
C SER B 63 -2.02 19.89 13.01
N LEU B 64 -1.35 21.03 12.94
CA LEU B 64 -0.61 21.37 11.74
C LEU B 64 0.38 20.28 11.36
N PHE B 65 1.03 19.72 12.37
CA PHE B 65 2.01 18.68 12.14
C PHE B 65 1.39 17.42 11.54
N ASP B 66 0.12 17.16 11.84
CA ASP B 66 -0.55 15.99 11.29
C ASP B 66 -0.91 16.25 9.84
N GLN B 67 -1.40 17.47 9.56
CA GLN B 67 -1.77 17.85 8.21
C GLN B 67 -0.57 17.73 7.29
N VAL B 68 0.58 18.23 7.75
CA VAL B 68 1.80 18.19 6.96
C VAL B 68 2.27 16.76 6.70
N ARG B 69 2.18 15.91 7.71
CA ARG B 69 2.62 14.55 7.52
C ARG B 69 1.70 13.70 6.65
N LEU B 70 0.41 14.00 6.63
CA LEU B 70 -0.51 13.24 5.78
C LEU B 70 -0.22 13.59 4.32
N LEU B 71 -0.16 14.88 4.02
CA LEU B 71 0.11 15.35 2.67
C LEU B 71 1.47 14.93 2.13
N GLU B 72 2.53 15.10 2.93
CA GLU B 72 3.88 14.70 2.52
C GLU B 72 3.92 13.21 2.20
N SER B 73 3.12 12.46 2.93
CA SER B 73 3.09 11.02 2.79
C SER B 73 2.26 10.45 1.64
N CYS B 74 1.22 11.16 1.23
CA CYS B 74 0.33 10.64 0.19
C CYS B 74 0.18 11.47 -1.09
N TRP B 75 0.86 12.61 -1.18
CA TRP B 75 0.68 13.43 -2.37
C TRP B 75 0.74 12.73 -3.72
N MET B 76 1.72 11.87 -3.95
CA MET B 76 1.82 11.21 -5.25
C MET B 76 0.68 10.22 -5.46
N GLU B 77 0.20 9.63 -4.38
CA GLU B 77 -0.90 8.68 -4.41
C GLU B 77 -2.16 9.38 -4.90
N VAL B 78 -2.40 10.57 -4.35
CA VAL B 78 -3.57 11.34 -4.73
C VAL B 78 -3.47 11.76 -6.18
N LEU B 79 -2.32 12.31 -6.56
CA LEU B 79 -2.13 12.73 -7.95
C LEU B 79 -2.39 11.58 -8.92
N MET B 80 -1.92 10.39 -8.59
CA MET B 80 -2.12 9.25 -9.49
C MET B 80 -3.53 8.68 -9.44
N MET B 81 -4.21 8.85 -8.31
CA MET B 81 -5.58 8.36 -8.19
C MET B 81 -6.44 9.24 -9.10
N GLY B 82 -6.14 10.53 -9.10
CA GLY B 82 -6.87 11.47 -9.95
C GLY B 82 -6.56 11.19 -11.41
N LEU B 83 -5.30 10.88 -11.68
CA LEU B 83 -4.87 10.57 -13.05
C LEU B 83 -5.66 9.37 -13.58
N MET B 84 -5.66 8.29 -12.81
CA MET B 84 -6.35 7.06 -13.19
C MET B 84 -7.84 7.30 -13.44
N TRP B 85 -8.46 8.12 -12.59
CA TRP B 85 -9.88 8.44 -12.74
C TRP B 85 -10.13 9.15 -14.07
N ARG B 86 -9.22 10.05 -14.44
CA ARG B 86 -9.34 10.80 -15.69
C ARG B 86 -9.13 9.93 -16.91
N SER B 87 -8.39 8.85 -16.74
CA SER B 87 -8.07 7.93 -17.83
C SER B 87 -9.01 6.74 -17.86
N ILE B 88 -9.97 6.73 -16.94
CA ILE B 88 -10.93 5.64 -16.82
C ILE B 88 -11.60 5.16 -18.12
N ASP B 89 -12.10 6.09 -18.92
CA ASP B 89 -12.77 5.75 -20.17
C ASP B 89 -11.85 5.75 -21.39
N HIS B 90 -10.54 5.78 -21.16
CA HIS B 90 -9.59 5.79 -22.27
C HIS B 90 -8.49 4.74 -22.14
N PRO B 91 -8.83 3.46 -22.34
CA PRO B 91 -7.82 2.41 -22.23
C PRO B 91 -6.58 2.71 -23.09
N GLY B 92 -5.42 2.26 -22.62
CA GLY B 92 -4.18 2.50 -23.33
C GLY B 92 -3.70 3.94 -23.24
N LYS B 93 -4.57 4.82 -22.77
CA LYS B 93 -4.26 6.24 -22.63
C LYS B 93 -4.19 6.75 -21.19
N LEU B 94 -3.27 7.67 -20.94
CA LEU B 94 -3.09 8.28 -19.62
C LEU B 94 -3.37 9.76 -19.77
N ILE B 95 -4.51 10.19 -19.25
CA ILE B 95 -4.92 11.58 -19.35
C ILE B 95 -4.41 12.44 -18.20
N PHE B 96 -3.15 12.86 -18.28
CA PHE B 96 -2.57 13.70 -17.24
C PHE B 96 -3.29 15.05 -17.20
N ALA B 97 -3.73 15.50 -18.36
CA ALA B 97 -4.46 16.77 -18.47
C ALA B 97 -5.18 16.79 -19.81
N PRO B 98 -6.24 17.62 -19.92
CA PRO B 98 -7.01 17.72 -21.17
C PRO B 98 -6.14 17.74 -22.43
N ASP B 99 -5.04 18.48 -22.41
CA ASP B 99 -4.17 18.55 -23.58
C ASP B 99 -2.82 17.90 -23.32
N LEU B 100 -2.79 16.92 -22.43
CA LEU B 100 -1.56 16.21 -22.12
C LEU B 100 -1.88 14.73 -22.05
N VAL B 101 -2.36 14.20 -23.17
CA VAL B 101 -2.72 12.79 -23.27
C VAL B 101 -1.51 11.99 -23.71
N LEU B 102 -0.95 11.20 -22.80
CA LEU B 102 0.22 10.39 -23.12
C LEU B 102 -0.15 8.97 -23.51
N ASP B 103 0.44 8.52 -24.61
CA ASP B 103 0.19 7.18 -25.10
C ASP B 103 1.19 6.29 -24.36
N ARG B 104 0.82 5.03 -24.13
CA ARG B 104 1.70 4.10 -23.43
C ARG B 104 3.08 4.01 -24.07
N ASP B 105 3.14 4.19 -25.39
CA ASP B 105 4.39 4.13 -26.13
C ASP B 105 5.35 5.28 -25.84
N GLU B 106 4.81 6.49 -25.72
CA GLU B 106 5.62 7.67 -25.45
C GLU B 106 6.44 7.51 -24.17
N GLY B 107 6.06 6.53 -23.36
CA GLY B 107 6.78 6.30 -22.12
C GLY B 107 8.16 5.72 -22.32
N LYS B 108 8.63 5.72 -23.57
CA LYS B 108 9.95 5.16 -23.88
C LYS B 108 11.02 6.24 -23.99
N CYS B 109 10.61 7.49 -24.10
CA CYS B 109 11.57 8.58 -24.21
C CYS B 109 12.12 8.94 -22.84
N VAL B 110 11.60 8.26 -21.81
CA VAL B 110 12.06 8.50 -20.44
C VAL B 110 12.57 7.20 -19.82
N GLU B 111 13.84 7.22 -19.43
CA GLU B 111 14.48 6.06 -18.81
C GLU B 111 13.77 5.57 -17.55
N GLY B 112 13.16 4.40 -17.64
CA GLY B 112 12.49 3.82 -16.49
C GLY B 112 11.10 4.29 -16.11
N ILE B 113 10.42 4.98 -17.01
CA ILE B 113 9.08 5.47 -16.69
C ILE B 113 8.00 4.56 -17.30
N LEU B 114 8.35 3.86 -18.37
CA LEU B 114 7.42 2.95 -19.03
C LEU B 114 6.84 2.00 -18.00
N GLU B 115 7.69 1.54 -17.09
CA GLU B 115 7.27 0.64 -16.02
C GLU B 115 6.13 1.27 -15.24
N ILE B 116 6.35 2.51 -14.78
CA ILE B 116 5.37 3.25 -14.01
C ILE B 116 4.09 3.47 -14.81
N PHE B 117 4.24 3.72 -16.10
CA PHE B 117 3.09 3.94 -16.96
C PHE B 117 2.27 2.66 -17.08
N ASP B 118 2.95 1.53 -17.19
CA ASP B 118 2.26 0.26 -17.30
C ASP B 118 1.45 -0.08 -16.06
N MET B 119 2.04 0.06 -14.88
CA MET B 119 1.29 -0.24 -13.68
C MET B 119 0.15 0.75 -13.48
N LEU B 120 0.33 1.99 -13.95
CA LEU B 120 -0.70 3.01 -13.85
C LEU B 120 -1.87 2.63 -14.76
N LEU B 121 -1.56 2.10 -15.94
CA LEU B 121 -2.58 1.69 -16.90
C LEU B 121 -3.31 0.45 -16.41
N ALA B 122 -2.57 -0.45 -15.77
CA ALA B 122 -3.14 -1.69 -15.24
C ALA B 122 -4.22 -1.36 -14.21
N THR B 123 -3.84 -0.62 -13.17
CA THR B 123 -4.76 -0.23 -12.12
C THR B 123 -5.98 0.46 -12.70
N THR B 124 -5.75 1.34 -13.67
CA THR B 124 -6.84 2.06 -14.31
C THR B 124 -7.84 1.08 -14.90
N SER B 125 -7.35 0.08 -15.61
CA SER B 125 -8.21 -0.93 -16.23
C SER B 125 -8.97 -1.71 -15.18
N ARG B 126 -8.34 -1.96 -14.05
CA ARG B 126 -9.02 -2.69 -12.98
C ARG B 126 -10.18 -1.83 -12.47
N PHE B 127 -9.94 -0.53 -12.31
CA PHE B 127 -10.98 0.37 -11.84
C PHE B 127 -12.10 0.41 -12.87
N ARG B 128 -11.71 0.39 -14.15
CA ARG B 128 -12.68 0.40 -15.24
C ARG B 128 -13.51 -0.88 -15.20
N GLU B 129 -12.83 -2.00 -15.03
CA GLU B 129 -13.47 -3.31 -14.98
C GLU B 129 -14.53 -3.30 -13.88
N LEU B 130 -14.21 -2.65 -12.77
CA LEU B 130 -15.13 -2.55 -11.64
C LEU B 130 -16.15 -1.44 -11.87
N LYS B 131 -15.92 -0.63 -12.90
CA LYS B 131 -16.83 0.46 -13.19
C LYS B 131 -16.94 1.41 -12.01
N LEU B 132 -15.79 1.92 -11.57
CA LEU B 132 -15.74 2.85 -10.45
C LEU B 132 -16.65 4.04 -10.75
N GLN B 133 -17.45 4.43 -9.77
CA GLN B 133 -18.37 5.56 -9.94
C GLN B 133 -17.77 6.83 -9.34
N HIS B 134 -18.26 7.97 -9.80
CA HIS B 134 -17.78 9.27 -9.35
C HIS B 134 -17.78 9.38 -7.82
N LYS B 135 -18.93 9.18 -7.19
CA LYS B 135 -19.03 9.28 -5.73
C LYS B 135 -18.06 8.34 -5.00
N GLU B 136 -17.88 7.14 -5.56
CA GLU B 136 -16.97 6.17 -4.97
C GLU B 136 -15.58 6.75 -5.04
N TYR B 137 -15.22 7.22 -6.24
CA TYR B 137 -13.92 7.82 -6.47
C TYR B 137 -13.64 8.96 -5.47
N LEU B 138 -14.62 9.83 -5.26
CA LEU B 138 -14.47 10.95 -4.33
C LEU B 138 -14.07 10.49 -2.92
N CYS B 139 -14.77 9.47 -2.42
CA CYS B 139 -14.50 8.96 -1.08
C CYS B 139 -13.13 8.29 -0.98
N VAL B 140 -12.80 7.47 -1.97
CA VAL B 140 -11.53 6.76 -2.02
C VAL B 140 -10.33 7.69 -1.98
N LYS B 141 -10.38 8.76 -2.77
CA LYS B 141 -9.27 9.70 -2.83
C LYS B 141 -9.04 10.39 -1.49
N ALA B 142 -10.13 10.68 -0.79
CA ALA B 142 -10.08 11.32 0.52
C ALA B 142 -9.61 10.30 1.55
N MET B 143 -9.93 9.04 1.32
CA MET B 143 -9.50 8.00 2.24
C MET B 143 -8.00 7.85 2.13
N ILE B 144 -7.48 8.00 0.91
CA ILE B 144 -6.04 7.90 0.67
C ILE B 144 -5.28 8.93 1.52
N LEU B 145 -5.79 10.16 1.58
CA LEU B 145 -5.16 11.21 2.36
C LEU B 145 -5.27 10.95 3.87
N LEU B 146 -6.46 10.62 4.34
CA LEU B 146 -6.70 10.37 5.76
C LEU B 146 -6.13 9.06 6.27
N ASN B 147 -5.75 8.16 5.36
CA ASN B 147 -5.21 6.86 5.73
C ASN B 147 -3.69 6.78 5.58
N SER B 148 -3.07 7.88 5.15
CA SER B 148 -1.62 7.88 4.96
C SER B 148 -0.88 8.21 6.25
N SER B 149 -1.35 7.65 7.36
CA SER B 149 -0.71 7.88 8.66
C SER B 149 0.67 7.24 8.68
N MET B 150 1.25 7.07 7.48
CA MET B 150 2.56 6.48 7.32
C MET B 150 3.62 7.42 7.89
N SER B 162 -5.19 14.53 18.76
CA SER B 162 -5.44 14.70 17.34
C SER B 162 -5.51 13.34 16.63
N SER B 163 -4.59 12.45 16.97
CA SER B 163 -4.55 11.11 16.37
C SER B 163 -5.91 10.43 16.44
N ARG B 164 -6.54 10.50 17.61
CA ARG B 164 -7.85 9.90 17.82
C ARG B 164 -8.91 10.55 16.94
N LYS B 165 -8.67 11.81 16.58
CA LYS B 165 -9.59 12.57 15.73
C LYS B 165 -9.41 12.14 14.28
N LEU B 166 -8.19 11.78 13.91
CA LEU B 166 -7.89 11.35 12.56
C LEU B 166 -8.65 10.06 12.28
N ALA B 167 -8.68 9.18 13.27
CA ALA B 167 -9.39 7.90 13.15
C ALA B 167 -10.87 8.17 12.89
N HIS B 168 -11.44 9.10 13.64
CA HIS B 168 -12.85 9.42 13.49
C HIS B 168 -13.15 9.99 12.10
N LEU B 169 -12.24 10.82 11.59
CA LEU B 169 -12.42 11.41 10.27
C LEU B 169 -12.40 10.33 9.19
N LEU B 170 -11.52 9.35 9.36
CA LEU B 170 -11.40 8.26 8.40
C LEU B 170 -12.64 7.40 8.36
N ASN B 171 -13.29 7.22 9.52
CA ASN B 171 -14.51 6.41 9.58
C ASN B 171 -15.69 7.14 8.96
N ALA B 172 -15.68 8.47 9.01
CA ALA B 172 -16.77 9.24 8.45
C ALA B 172 -16.79 9.02 6.94
N VAL B 173 -15.63 9.17 6.32
CA VAL B 173 -15.50 8.99 4.87
C VAL B 173 -15.83 7.54 4.52
N THR B 174 -15.33 6.61 5.33
CA THR B 174 -15.60 5.20 5.09
C THR B 174 -17.10 4.98 5.13
N ASP B 175 -17.77 5.60 6.10
CA ASP B 175 -19.23 5.51 6.23
C ASP B 175 -19.88 6.02 4.95
N ALA B 176 -19.30 7.07 4.39
CA ALA B 176 -19.81 7.67 3.16
C ALA B 176 -19.67 6.72 1.97
N LEU B 177 -18.51 6.07 1.87
CA LEU B 177 -18.29 5.14 0.77
C LEU B 177 -19.30 3.99 0.86
N VAL B 178 -19.48 3.47 2.08
CA VAL B 178 -20.43 2.39 2.30
C VAL B 178 -21.82 2.85 1.87
N TRP B 179 -22.15 4.10 2.17
CA TRP B 179 -23.43 4.68 1.81
C TRP B 179 -23.59 4.76 0.29
N VAL B 180 -22.54 5.22 -0.38
CA VAL B 180 -22.55 5.33 -1.83
C VAL B 180 -22.78 3.97 -2.48
N ILE B 181 -22.05 2.96 -2.04
CA ILE B 181 -22.20 1.62 -2.60
C ILE B 181 -23.60 1.04 -2.39
N ALA B 182 -24.18 1.30 -1.22
CA ALA B 182 -25.53 0.80 -0.93
C ALA B 182 -26.53 1.42 -1.89
N LYS B 183 -26.31 2.70 -2.23
CA LYS B 183 -27.20 3.39 -3.13
C LYS B 183 -27.13 2.86 -4.55
N SER B 184 -26.37 1.78 -4.76
CA SER B 184 -26.28 1.18 -6.09
C SER B 184 -27.39 0.12 -6.18
N GLY B 185 -27.78 -0.40 -5.02
CA GLY B 185 -28.85 -1.38 -4.97
C GLY B 185 -28.48 -2.85 -5.10
N ILE B 186 -27.21 -3.19 -4.95
CA ILE B 186 -26.80 -4.59 -5.07
C ILE B 186 -26.93 -5.27 -3.70
N SER B 187 -27.02 -6.59 -3.70
CA SER B 187 -27.17 -7.34 -2.46
C SER B 187 -26.11 -6.94 -1.45
N SER B 188 -26.48 -6.98 -0.17
CA SER B 188 -25.56 -6.65 0.92
C SER B 188 -24.21 -7.35 0.77
N GLN B 189 -24.26 -8.62 0.35
CA GLN B 189 -23.03 -9.39 0.16
C GLN B 189 -22.17 -8.74 -0.90
N GLN B 190 -22.81 -8.37 -2.01
CA GLN B 190 -22.12 -7.73 -3.10
C GLN B 190 -21.62 -6.34 -2.73
N GLN B 191 -22.22 -5.75 -1.70
CA GLN B 191 -21.79 -4.44 -1.23
C GLN B 191 -20.48 -4.62 -0.49
N SER B 192 -20.39 -5.69 0.29
CA SER B 192 -19.18 -6.01 1.03
C SER B 192 -18.05 -6.32 0.05
N MET B 193 -18.38 -7.09 -0.98
CA MET B 193 -17.41 -7.49 -1.99
C MET B 193 -16.88 -6.30 -2.81
N ARG B 194 -17.76 -5.38 -3.18
CA ARG B 194 -17.33 -4.22 -3.96
C ARG B 194 -16.46 -3.31 -3.09
N LEU B 195 -16.80 -3.23 -1.81
CA LEU B 195 -16.04 -2.43 -0.87
C LEU B 195 -14.61 -2.98 -0.75
N ALA B 196 -14.49 -4.30 -0.70
CA ALA B 196 -13.20 -4.96 -0.59
C ALA B 196 -12.40 -4.79 -1.88
N ASN B 197 -13.04 -5.05 -3.00
CA ASN B 197 -12.38 -4.92 -4.30
C ASN B 197 -11.83 -3.52 -4.52
N LEU B 198 -12.54 -2.51 -4.04
CA LEU B 198 -12.11 -1.14 -4.21
C LEU B 198 -10.93 -0.76 -3.33
N LEU B 199 -10.99 -1.12 -2.06
CA LEU B 199 -9.92 -0.80 -1.12
C LEU B 199 -8.64 -1.60 -1.39
N MET B 200 -8.79 -2.82 -1.88
CA MET B 200 -7.63 -3.65 -2.17
C MET B 200 -6.74 -2.98 -3.20
N LEU B 201 -7.33 -2.11 -4.03
CA LEU B 201 -6.56 -1.41 -5.05
C LEU B 201 -5.69 -0.28 -4.51
N LEU B 202 -5.97 0.19 -3.29
CA LEU B 202 -5.16 1.25 -2.71
C LEU B 202 -3.70 0.83 -2.68
N SER B 203 -3.48 -0.46 -2.44
CA SER B 203 -2.14 -1.01 -2.38
C SER B 203 -1.39 -0.81 -3.68
N HIS B 204 -2.09 -1.04 -4.80
CA HIS B 204 -1.48 -0.88 -6.10
C HIS B 204 -1.17 0.59 -6.37
N VAL B 205 -1.98 1.46 -5.77
CA VAL B 205 -1.80 2.90 -5.91
C VAL B 205 -0.62 3.32 -5.03
N ARG B 206 -0.55 2.77 -3.83
CA ARG B 206 0.53 3.07 -2.91
C ARG B 206 1.85 2.63 -3.51
N HIS B 207 1.83 1.51 -4.21
CA HIS B 207 3.05 0.98 -4.83
C HIS B 207 3.48 1.89 -5.96
N ALA B 208 2.55 2.20 -6.84
CA ALA B 208 2.82 3.08 -7.98
C ALA B 208 3.41 4.40 -7.49
N SER B 209 2.89 4.89 -6.36
CA SER B 209 3.35 6.12 -5.76
C SER B 209 4.82 5.99 -5.34
N ASN B 210 5.13 4.90 -4.64
CA ASN B 210 6.49 4.62 -4.18
C ASN B 210 7.45 4.55 -5.36
N LYS B 211 7.00 3.95 -6.46
CA LYS B 211 7.84 3.82 -7.64
C LYS B 211 7.94 5.13 -8.41
N GLY B 212 6.85 5.89 -8.43
CA GLY B 212 6.85 7.17 -9.12
C GLY B 212 7.78 8.15 -8.43
N MET B 213 7.71 8.21 -7.09
CA MET B 213 8.56 9.10 -6.34
C MET B 213 10.04 8.74 -6.44
N GLU B 214 10.35 7.46 -6.37
CA GLU B 214 11.74 7.02 -6.49
C GLU B 214 12.28 7.44 -7.85
N HIS B 215 11.45 7.30 -8.87
CA HIS B 215 11.81 7.66 -10.23
C HIS B 215 12.06 9.17 -10.36
N LEU B 216 11.19 9.96 -9.75
CA LEU B 216 11.32 11.42 -9.79
C LEU B 216 12.60 11.88 -9.09
N LEU B 217 12.86 11.35 -7.90
CA LEU B 217 14.05 11.72 -7.15
C LEU B 217 15.28 11.39 -8.01
N ASN B 218 15.27 10.29 -8.67
CA ASN B 218 16.43 9.90 -9.48
C ASN B 218 16.60 10.82 -10.68
N MET B 219 15.43 11.17 -11.43
CA MET B 219 15.55 12.06 -12.58
C MET B 219 16.13 13.40 -12.11
N LYS B 220 15.87 13.75 -10.85
CA LYS B 220 16.39 14.99 -10.29
C LYS B 220 17.90 14.89 -10.12
N CYS B 221 18.37 13.84 -9.44
CA CYS B 221 19.79 13.64 -9.22
C CYS B 221 20.51 13.49 -10.57
N LYS B 222 19.79 12.94 -11.55
CA LYS B 222 20.32 12.73 -12.89
C LYS B 222 20.43 14.06 -13.61
N ASN B 223 19.72 15.08 -13.11
CA ASN B 223 19.73 16.41 -13.70
C ASN B 223 18.92 16.42 -14.99
N VAL B 224 18.04 15.42 -15.14
CA VAL B 224 17.19 15.30 -16.31
C VAL B 224 16.11 16.37 -16.31
N VAL B 225 15.81 16.92 -15.14
CA VAL B 225 14.77 17.94 -15.02
C VAL B 225 14.89 18.66 -13.67
N PRO B 226 14.63 19.98 -13.66
CA PRO B 226 14.72 20.73 -12.39
C PRO B 226 13.50 20.49 -11.50
N VAL B 227 13.76 20.11 -10.25
CA VAL B 227 12.71 19.84 -9.27
C VAL B 227 12.41 21.08 -8.43
N TYR B 228 11.28 21.70 -8.72
CA TYR B 228 10.84 22.93 -8.07
C TYR B 228 10.77 22.74 -6.57
N ASP B 229 11.04 23.82 -5.83
CA ASP B 229 11.01 23.76 -4.40
C ASP B 229 9.75 23.11 -3.88
N LEU B 230 8.66 23.33 -4.61
CA LEU B 230 7.38 22.74 -4.20
C LEU B 230 7.46 21.22 -4.37
N LEU B 231 7.94 20.76 -5.51
CA LEU B 231 8.08 19.32 -5.74
C LEU B 231 9.16 18.80 -4.80
N LEU B 232 10.29 19.52 -4.72
CA LEU B 232 11.39 19.11 -3.85
C LEU B 232 10.93 18.89 -2.41
N GLU B 233 10.23 19.87 -1.85
CA GLU B 233 9.73 19.78 -0.48
C GLU B 233 8.90 18.51 -0.26
N MET B 234 7.97 18.27 -1.18
CA MET B 234 7.11 17.10 -1.09
C MET B 234 7.91 15.82 -1.34
N LEU B 235 8.86 15.91 -2.27
CA LEU B 235 9.70 14.76 -2.61
C LEU B 235 10.54 14.30 -1.42
N ASN B 236 11.10 15.25 -0.68
CA ASN B 236 11.93 14.93 0.47
C ASN B 236 11.13 14.57 1.71
N ALA B 237 9.97 15.20 1.87
CA ALA B 237 9.09 14.94 3.02
C ALA B 237 9.78 15.11 4.37
N HIS B 238 10.56 16.18 4.53
CA HIS B 238 11.24 16.44 5.79
C HIS B 238 10.97 17.88 6.21
N VAL B 239 9.84 18.42 5.72
CA VAL B 239 9.43 19.79 6.00
C VAL B 239 9.47 20.18 7.48
N LEU B 240 8.96 19.30 8.35
CA LEU B 240 8.95 19.59 9.77
C LEU B 240 10.37 19.77 10.34
N ARG B 241 11.38 19.55 9.49
CA ARG B 241 12.77 19.69 9.91
C ARG B 241 13.72 20.53 9.03
N LYS C 1 16.21 -21.68 -6.81
CA LYS C 1 15.92 -21.75 -5.35
C LYS C 1 14.42 -21.60 -5.13
N LEU C 2 13.88 -20.44 -5.51
CA LEU C 2 12.46 -20.19 -5.39
C LEU C 2 11.70 -21.17 -6.29
N VAL C 3 12.19 -21.33 -7.51
CA VAL C 3 11.55 -22.23 -8.46
C VAL C 3 11.63 -23.71 -8.06
N GLN C 4 12.76 -24.16 -7.53
CA GLN C 4 12.85 -25.56 -7.15
C GLN C 4 11.96 -25.91 -5.96
N LEU C 5 11.79 -24.97 -5.03
CA LEU C 5 10.92 -25.21 -3.88
C LEU C 5 9.46 -25.20 -4.32
N LEU C 6 9.18 -24.49 -5.40
CA LEU C 6 7.83 -24.41 -5.94
C LEU C 6 7.50 -25.66 -6.74
N THR C 7 8.52 -26.44 -7.07
CA THR C 7 8.32 -27.66 -7.84
C THR C 7 8.70 -28.94 -7.10
N THR C 8 8.85 -28.85 -5.78
CA THR C 8 9.19 -30.01 -4.96
C THR C 8 8.53 -29.90 -3.59
N THR C 9 8.28 -31.05 -2.96
CA THR C 9 7.64 -31.09 -1.65
C THR C 9 8.57 -31.72 -0.60
N LYS D 1 6.87 26.59 2.29
CA LYS D 1 5.95 26.58 1.13
C LYS D 1 4.72 25.73 1.44
N LEU D 2 4.94 24.45 1.69
CA LEU D 2 3.84 23.56 2.03
C LEU D 2 3.11 24.15 3.23
N VAL D 3 3.87 24.47 4.26
CA VAL D 3 3.31 25.05 5.48
C VAL D 3 2.66 26.39 5.16
N GLN D 4 3.22 27.12 4.20
CA GLN D 4 2.67 28.41 3.82
C GLN D 4 1.30 28.27 3.15
N LEU D 5 1.18 27.30 2.26
CA LEU D 5 -0.07 27.06 1.56
C LEU D 5 -1.16 26.60 2.52
N LEU D 6 -0.76 25.81 3.51
CA LEU D 6 -1.69 25.29 4.50
C LEU D 6 -2.20 26.33 5.48
N THR D 7 -1.31 27.20 5.96
CA THR D 7 -1.68 28.22 6.94
C THR D 7 -1.82 29.64 6.44
N THR D 8 -1.33 29.94 5.25
CA THR D 8 -1.41 31.30 4.71
C THR D 8 -2.42 31.54 3.59
N THR D 9 -2.80 30.49 2.87
CA THR D 9 -3.77 30.63 1.78
C THR D 9 -5.05 29.87 2.08
C1 397 E . 15.04 -4.36 7.44
C2 397 E . 13.77 -4.91 7.78
C3 397 E . 13.64 -6.28 8.05
C4 397 E . 14.81 -7.14 7.99
C5 397 E . 16.06 -6.59 7.66
C6 397 E . 16.18 -5.20 7.38
O10 397 E . 12.54 -7.01 8.40
C11 397 E . 12.97 -8.29 8.56
C12 397 E . 14.39 -8.48 8.32
C13 397 E . 12.03 -9.27 8.93
C14 397 E . 10.61 -8.97 9.03
C15 397 E . 9.66 -9.93 9.42
C16 397 E . 10.07 -11.25 9.72
C17 397 E . 11.44 -11.60 9.64
C18 397 E . 12.39 -10.63 9.26
O23 397 E . 17.41 -4.68 7.05
O24 397 E . 9.13 -12.17 10.10
C1 397 F . 7.38 9.58 -12.27
C2 397 F . 5.96 9.50 -12.16
C3 397 F . 5.19 10.68 -12.19
C4 397 F . 5.84 11.96 -12.36
C5 397 F . 7.23 12.03 -12.46
C6 397 F . 8.01 10.84 -12.43
O10 397 F . 3.84 10.87 -12.11
C11 397 F . 3.62 12.19 -12.20
C12 397 F . 4.81 12.99 -12.35
C13 397 F . 2.28 12.65 -12.14
C14 397 F . 1.19 11.77 -11.83
C15 397 F . -0.15 12.21 -11.77
C16 397 F . -0.46 13.55 -12.04
C17 397 F . 0.57 14.47 -12.36
C18 397 F . 1.92 14.03 -12.41
O23 397 F . 9.37 10.93 -12.53
O24 397 F . -1.77 13.96 -11.98
#